data_6XDC
#
_entry.id   6XDC
#
_cell.length_a   1.00
_cell.length_b   1.00
_cell.length_c   1.00
_cell.angle_alpha   90.00
_cell.angle_beta   90.00
_cell.angle_gamma   90.00
#
_symmetry.space_group_name_H-M   'P 1'
#
_entity_poly.entity_id   1
_entity_poly.type   'polypeptide(L)'
_entity_poly.pdbx_seq_one_letter_code
;MDLFMRIFTIGTVTLKQGEIKDATPSDFVRATATIPIQASLPFGWLIVGVALLAVFQSASKIITLKKRWQLALSKGVHFV
CNLLLLFVTVYSHLLLVAAGLEAPFLYLYALVYFLQSINFVRIIMRLWLCWKCRSKNPLLYDANYFLCWHTNCYDYCIPY
NSVTSSIVITSGDGTTSPISEHDYQIGGYTEKWESGVKDCVVLHSYFTSDYYQLYSTQLSTDTGVEHVTFFIYNKIVDEP
EEHVQIHTIDGSSGVVNPVMEPIYDEPTTTTSVPLSNSLEVLFQ
;
_entity_poly.pdbx_strand_id   A,B
#
# COMPACT_ATOMS: atom_id res chain seq x y z
N SER A 40 -4.79 10.14 43.42
CA SER A 40 -5.70 10.01 42.30
C SER A 40 -4.94 10.06 40.97
N LEU A 41 -5.51 9.44 39.95
CA LEU A 41 -4.88 9.45 38.64
C LEU A 41 -5.11 10.79 37.96
N PRO A 42 -4.09 11.41 37.38
CA PRO A 42 -4.26 12.74 36.80
C PRO A 42 -4.90 12.71 35.42
N PHE A 43 -5.56 13.81 35.06
CA PHE A 43 -6.32 13.88 33.83
C PHE A 43 -5.50 14.39 32.66
N GLY A 44 -4.47 15.19 32.92
CA GLY A 44 -3.82 15.93 31.86
C GLY A 44 -2.91 15.09 30.99
N TRP A 45 -2.46 13.94 31.49
CA TRP A 45 -1.59 13.07 30.70
C TRP A 45 -2.34 12.44 29.54
N LEU A 46 -3.63 12.17 29.71
CA LEU A 46 -4.47 11.72 28.61
C LEU A 46 -4.57 12.77 27.51
N ILE A 47 -4.63 14.05 27.89
CA ILE A 47 -4.78 15.13 26.92
C ILE A 47 -3.52 15.31 26.08
N VAL A 48 -2.34 15.27 26.72
CA VAL A 48 -1.09 15.45 25.98
C VAL A 48 -0.81 14.22 25.12
N GLY A 49 -1.26 13.04 25.55
CA GLY A 49 -1.15 11.85 24.72
C GLY A 49 -2.01 11.91 23.46
N VAL A 50 -3.21 12.51 23.56
CA VAL A 50 -4.06 12.71 22.39
C VAL A 50 -3.40 13.68 21.42
N ALA A 51 -2.80 14.76 21.93
CA ALA A 51 -2.15 15.75 21.09
C ALA A 51 -0.92 15.17 20.39
N LEU A 52 -0.14 14.35 21.10
CA LEU A 52 1.02 13.72 20.48
C LEU A 52 0.61 12.65 19.47
N LEU A 53 -0.49 11.94 19.75
CA LEU A 53 -1.05 10.99 18.80
C LEU A 53 -1.54 11.67 17.54
N ALA A 54 -2.15 12.85 17.67
CA ALA A 54 -2.61 13.61 16.52
C ALA A 54 -1.45 14.09 15.65
N VAL A 55 -0.37 14.54 16.27
CA VAL A 55 0.82 14.97 15.52
C VAL A 55 1.38 13.82 14.71
N PHE A 56 1.57 12.65 15.34
CA PHE A 56 2.19 11.51 14.67
C PHE A 56 1.27 10.87 13.64
N GLN A 57 -0.04 10.87 13.87
CA GLN A 57 -0.94 10.29 12.88
C GLN A 57 -1.07 11.15 11.63
N SER A 58 -1.19 12.48 11.82
CA SER A 58 -1.25 13.38 10.68
C SER A 58 0.08 13.48 9.94
N ALA A 59 1.20 13.19 10.59
CA ALA A 59 2.49 13.11 9.91
C ALA A 59 2.66 11.82 9.14
N SER A 60 2.07 10.71 9.61
CA SER A 60 2.21 9.45 8.90
C SER A 60 1.41 9.43 7.61
N LYS A 61 0.32 10.19 7.55
CA LYS A 61 -0.60 10.11 6.43
C LYS A 61 -0.11 10.84 5.18
N ILE A 62 1.02 11.56 5.24
CA ILE A 62 1.46 12.32 4.08
C ILE A 62 2.90 12.00 3.70
N ILE A 63 3.38 10.80 4.06
CA ILE A 63 4.67 10.34 3.60
C ILE A 63 4.55 9.89 2.14
N THR A 64 5.52 10.25 1.31
CA THR A 64 5.32 10.11 -0.14
C THR A 64 5.58 8.68 -0.64
N LEU A 65 6.29 7.85 0.15
CA LEU A 65 6.45 6.41 -0.08
C LEU A 65 7.10 6.10 -1.44
N LYS A 66 8.15 6.83 -1.79
CA LYS A 66 8.78 6.65 -3.10
C LYS A 66 10.12 5.96 -3.05
N LYS A 67 10.97 6.28 -2.08
CA LYS A 67 12.28 5.67 -1.97
C LYS A 67 12.33 4.73 -0.77
N ARG A 68 13.51 4.14 -0.55
CA ARG A 68 13.65 3.13 0.49
C ARG A 68 13.61 3.75 1.88
N TRP A 69 14.31 4.87 2.07
CA TRP A 69 14.34 5.50 3.39
C TRP A 69 13.00 6.14 3.75
N GLN A 70 12.21 6.56 2.77
CA GLN A 70 10.87 7.06 3.05
C GLN A 70 9.94 5.95 3.52
N LEU A 71 10.11 4.74 2.97
CA LEU A 71 9.33 3.61 3.43
C LEU A 71 9.72 3.19 4.84
N ALA A 72 11.03 3.19 5.13
CA ALA A 72 11.51 2.88 6.48
C ALA A 72 11.07 3.92 7.50
N LEU A 73 11.08 5.20 7.10
CA LEU A 73 10.62 6.27 7.99
C LEU A 73 9.14 6.14 8.32
N SER A 74 8.30 5.85 7.32
CA SER A 74 6.87 5.72 7.54
C SER A 74 6.51 4.50 8.38
N LYS A 75 7.27 3.43 8.26
CA LYS A 75 7.04 2.26 9.12
C LYS A 75 7.40 2.55 10.57
N GLY A 76 8.47 3.30 10.80
CA GLY A 76 8.81 3.71 12.15
C GLY A 76 7.77 4.61 12.79
N VAL A 77 7.22 5.55 12.00
CA VAL A 77 6.19 6.45 12.50
C VAL A 77 4.88 5.69 12.77
N HIS A 78 4.60 4.66 11.98
CA HIS A 78 3.44 3.81 12.23
C HIS A 78 3.56 3.04 13.53
N PHE A 79 4.77 2.58 13.86
CA PHE A 79 4.99 1.90 15.13
C PHE A 79 4.81 2.84 16.31
N VAL A 80 5.30 4.08 16.17
CA VAL A 80 5.11 5.11 17.20
C VAL A 80 3.63 5.42 17.40
N CYS A 81 2.86 5.46 16.30
CA CYS A 81 1.43 5.73 16.36
C CYS A 81 0.67 4.65 17.12
N ASN A 82 1.02 3.38 16.90
CA ASN A 82 0.33 2.31 17.60
C ASN A 82 0.73 2.21 19.06
N LEU A 83 1.97 2.59 19.39
CA LEU A 83 2.37 2.66 20.79
C LEU A 83 1.62 3.76 21.54
N LEU A 84 1.45 4.92 20.91
CA LEU A 84 0.70 6.01 21.53
C LEU A 84 -0.79 5.68 21.66
N LEU A 85 -1.34 4.98 20.68
CA LEU A 85 -2.74 4.58 20.75
C LEU A 85 -2.97 3.54 21.84
N LEU A 86 -2.06 2.58 21.96
CA LEU A 86 -2.14 1.59 23.03
C LEU A 86 -2.03 2.24 24.41
N PHE A 87 -1.13 3.21 24.54
CA PHE A 87 -0.96 3.93 25.82
C PHE A 87 -2.18 4.76 26.17
N VAL A 88 -2.75 5.48 25.20
CA VAL A 88 -3.87 6.35 25.49
C VAL A 88 -5.14 5.56 25.81
N THR A 89 -5.31 4.36 25.25
CA THR A 89 -6.50 3.58 25.56
C THR A 89 -6.41 2.84 26.90
N VAL A 90 -5.20 2.45 27.33
CA VAL A 90 -5.09 1.81 28.64
C VAL A 90 -5.13 2.88 29.74
N TYR A 91 -4.73 4.11 29.43
CA TYR A 91 -4.85 5.21 30.37
C TYR A 91 -6.31 5.59 30.62
N SER A 92 -7.13 5.59 29.57
CA SER A 92 -8.55 5.87 29.73
C SER A 92 -9.26 4.77 30.49
N HIS A 93 -8.87 3.51 30.27
CA HIS A 93 -9.46 2.39 31.00
C HIS A 93 -9.13 2.45 32.49
N LEU A 94 -7.93 2.94 32.83
CA LEU A 94 -7.55 3.07 34.24
C LEU A 94 -8.32 4.20 34.91
N LEU A 95 -8.58 5.29 34.17
CA LEU A 95 -9.41 6.38 34.67
C LEU A 95 -10.83 5.93 34.98
N LEU A 96 -11.42 5.11 34.11
CA LEU A 96 -12.76 4.60 34.32
C LEU A 96 -12.79 3.53 35.41
N VAL A 97 -11.66 2.88 35.68
CA VAL A 97 -11.58 1.97 36.81
C VAL A 97 -11.69 2.75 38.12
N ALA A 98 -11.01 3.90 38.20
CA ALA A 98 -11.08 4.72 39.41
C ALA A 98 -12.44 5.38 39.59
N ALA A 99 -13.16 5.65 38.49
CA ALA A 99 -14.42 6.37 38.56
C ALA A 99 -15.65 5.46 38.50
N GLY A 100 -15.49 4.21 38.10
CA GLY A 100 -16.63 3.34 37.90
C GLY A 100 -16.93 3.02 36.45
N LEU A 101 -16.57 1.80 36.04
CA LEU A 101 -16.51 1.41 34.64
C LEU A 101 -17.74 0.60 34.28
N GLU A 102 -18.45 1.05 33.26
CA GLU A 102 -19.72 0.41 32.88
C GLU A 102 -19.47 -0.84 32.05
N ALA A 103 -20.48 -1.72 32.03
CA ALA A 103 -20.43 -2.94 31.24
C ALA A 103 -20.51 -2.71 29.72
N PRO A 104 -21.29 -1.74 29.19
CA PRO A 104 -21.08 -1.37 27.78
C PRO A 104 -19.68 -0.86 27.45
N PHE A 105 -18.98 -0.29 28.43
CA PHE A 105 -17.58 0.08 28.25
C PHE A 105 -16.64 -1.10 28.49
N LEU A 106 -17.06 -2.11 29.24
CA LEU A 106 -16.22 -3.29 29.44
C LEU A 106 -15.97 -4.04 28.13
N TYR A 107 -17.02 -4.36 27.38
CA TYR A 107 -16.83 -5.07 26.12
C TYR A 107 -16.23 -4.19 25.04
N LEU A 108 -16.37 -2.87 25.16
CA LEU A 108 -15.77 -1.95 24.20
C LEU A 108 -14.25 -1.93 24.32
N TYR A 109 -13.74 -1.86 25.56
CA TYR A 109 -12.29 -1.94 25.76
C TYR A 109 -11.78 -3.35 25.53
N ALA A 110 -12.64 -4.36 25.74
CA ALA A 110 -12.31 -5.73 25.35
C ALA A 110 -12.13 -5.86 23.85
N LEU A 111 -12.96 -5.15 23.08
CA LEU A 111 -12.81 -5.12 21.63
C LEU A 111 -11.48 -4.49 21.21
N VAL A 112 -11.06 -3.42 21.89
CA VAL A 112 -9.77 -2.77 21.60
C VAL A 112 -8.62 -3.75 21.81
N TYR A 113 -8.60 -4.44 22.95
CA TYR A 113 -7.49 -5.33 23.28
C TYR A 113 -7.49 -6.59 22.41
N PHE A 114 -8.67 -7.06 21.99
CA PHE A 114 -8.74 -8.24 21.12
C PHE A 114 -8.19 -7.95 19.73
N LEU A 115 -8.56 -6.81 19.14
CA LEU A 115 -8.05 -6.44 17.83
C LEU A 115 -6.57 -6.15 17.85
N GLN A 116 -6.05 -5.64 18.97
CA GLN A 116 -4.62 -5.42 19.11
C GLN A 116 -3.86 -6.74 19.24
N SER A 117 -4.48 -7.76 19.83
CA SER A 117 -3.85 -9.07 19.88
C SER A 117 -3.74 -9.70 18.49
N ILE A 118 -4.78 -9.54 17.66
CA ILE A 118 -4.74 -10.02 16.28
C ILE A 118 -3.67 -9.28 15.49
N ASN A 119 -3.55 -7.97 15.72
CA ASN A 119 -2.52 -7.16 15.09
C ASN A 119 -1.12 -7.56 15.53
N PHE A 120 -0.97 -7.99 16.79
CA PHE A 120 0.32 -8.43 17.29
C PHE A 120 0.77 -9.73 16.64
N VAL A 121 -0.15 -10.67 16.42
CA VAL A 121 0.21 -11.92 15.77
C VAL A 121 0.48 -11.70 14.28
N ARG A 122 -0.10 -10.66 13.70
CA ARG A 122 0.22 -10.29 12.32
C ARG A 122 1.64 -9.74 12.19
N ILE A 123 2.09 -8.95 13.17
CA ILE A 123 3.45 -8.39 13.11
C ILE A 123 4.52 -9.47 13.27
N ILE A 124 4.29 -10.45 14.17
CA ILE A 124 5.29 -11.51 14.33
C ILE A 124 5.26 -12.46 13.14
N MET A 125 4.13 -12.59 12.46
CA MET A 125 4.10 -13.33 11.21
C MET A 125 4.81 -12.59 10.10
N ARG A 126 4.79 -11.26 10.12
CA ARG A 126 5.58 -10.47 9.18
C ARG A 126 7.07 -10.67 9.41
N LEU A 127 7.47 -10.82 10.68
CA LEU A 127 8.87 -11.10 10.98
C LEU A 127 9.24 -12.52 10.59
N TRP A 128 8.30 -13.46 10.72
CA TRP A 128 8.54 -14.83 10.24
C TRP A 128 8.67 -14.84 8.73
N LEU A 129 7.87 -14.04 8.04
CA LEU A 129 8.01 -13.91 6.58
C LEU A 129 9.31 -13.23 6.21
N CYS A 130 9.76 -12.28 7.04
CA CYS A 130 11.04 -11.62 6.82
C CYS A 130 12.20 -12.59 6.96
N TRP A 131 12.08 -13.57 7.86
CA TRP A 131 13.06 -14.64 7.94
C TRP A 131 12.94 -15.61 6.79
N LYS A 132 11.72 -15.77 6.26
CA LYS A 132 11.47 -16.77 5.21
C LYS A 132 12.11 -16.37 3.89
N CYS A 133 11.89 -15.13 3.45
CA CYS A 133 12.48 -14.67 2.21
C CYS A 133 13.94 -14.28 2.35
N ARG A 134 14.44 -14.16 3.60
CA ARG A 134 15.81 -13.74 3.92
C ARG A 134 16.14 -12.38 3.32
N SER A 135 15.19 -11.45 3.42
CA SER A 135 15.41 -10.06 3.03
C SER A 135 14.46 -9.19 3.83
N LYS A 136 14.82 -7.92 3.95
CA LYS A 136 14.15 -6.99 4.86
C LYS A 136 12.96 -6.29 4.24
N ASN A 137 12.65 -6.55 2.98
CA ASN A 137 11.50 -5.94 2.30
C ASN A 137 10.11 -6.32 2.81
N PRO A 138 9.86 -7.49 3.43
CA PRO A 138 8.54 -7.69 4.07
C PRO A 138 8.16 -6.66 5.11
N LEU A 139 9.12 -6.08 5.83
CA LEU A 139 8.80 -5.05 6.79
C LEU A 139 8.52 -3.70 6.15
N LEU A 140 8.98 -3.49 4.93
CA LEU A 140 8.95 -2.17 4.31
C LEU A 140 7.78 -1.98 3.36
N TYR A 141 7.56 -2.95 2.47
CA TYR A 141 6.85 -2.68 1.24
C TYR A 141 5.35 -2.87 1.33
N ASP A 142 4.90 -3.76 2.21
CA ASP A 142 3.48 -3.96 2.54
C ASP A 142 2.67 -4.39 1.30
N ALA A 143 3.00 -5.54 0.77
CA ALA A 143 2.26 -6.15 -0.32
C ALA A 143 1.74 -7.51 0.12
N ASN A 144 1.04 -8.19 -0.78
CA ASN A 144 0.42 -9.46 -0.42
C ASN A 144 1.38 -10.65 -0.58
N TYR A 145 2.07 -10.74 -1.71
CA TYR A 145 2.95 -11.86 -2.00
C TYR A 145 4.31 -11.30 -2.36
N PHE A 146 5.34 -12.15 -2.31
CA PHE A 146 6.69 -11.71 -2.58
C PHE A 146 7.42 -12.72 -3.46
N LEU A 147 8.02 -12.26 -4.55
CA LEU A 147 8.77 -13.14 -5.44
C LEU A 147 10.25 -13.10 -5.09
N CYS A 148 10.89 -14.26 -4.98
CA CYS A 148 12.23 -14.34 -4.43
C CYS A 148 13.03 -15.49 -5.04
N TRP A 149 14.32 -15.26 -5.26
CA TRP A 149 15.24 -16.33 -5.62
C TRP A 149 16.62 -16.02 -5.05
N HIS A 150 17.39 -17.07 -4.78
CA HIS A 150 18.65 -16.98 -4.06
C HIS A 150 19.82 -16.97 -5.03
N THR A 151 20.77 -16.06 -4.80
CA THR A 151 22.03 -16.00 -5.52
C THR A 151 23.19 -16.08 -4.53
N ASN A 152 24.40 -15.81 -5.04
CA ASN A 152 25.58 -15.85 -4.20
C ASN A 152 25.87 -14.52 -3.52
N CYS A 153 25.44 -13.41 -4.12
CA CYS A 153 25.68 -12.09 -3.55
C CYS A 153 24.43 -11.48 -2.93
N TYR A 154 23.25 -12.04 -3.18
CA TYR A 154 22.01 -11.41 -2.78
C TYR A 154 20.91 -12.48 -2.74
N ASP A 155 20.00 -12.33 -1.78
CA ASP A 155 18.74 -13.06 -1.75
C ASP A 155 17.66 -12.05 -2.15
N TYR A 156 17.30 -12.04 -3.43
CA TYR A 156 16.38 -11.06 -3.97
C TYR A 156 14.99 -11.26 -3.39
N CYS A 157 14.22 -10.17 -3.35
CA CYS A 157 12.79 -10.26 -3.08
C CYS A 157 12.12 -9.01 -3.61
N ILE A 158 11.02 -9.20 -4.34
CA ILE A 158 10.30 -8.13 -5.04
C ILE A 158 8.81 -8.24 -4.70
N PRO A 159 8.13 -7.15 -4.38
CA PRO A 159 6.70 -7.23 -4.03
C PRO A 159 5.84 -7.68 -5.21
N TYR A 160 4.67 -8.21 -4.88
CA TYR A 160 3.76 -8.79 -5.86
C TYR A 160 2.38 -8.83 -5.22
N ASN A 161 1.34 -8.87 -6.05
CA ASN A 161 0.00 -8.71 -5.51
C ASN A 161 -0.79 -10.00 -5.39
N SER A 162 -0.68 -10.93 -6.32
CA SER A 162 -1.48 -12.15 -6.25
C SER A 162 -0.76 -13.26 -7.01
N VAL A 163 -1.34 -14.45 -6.97
CA VAL A 163 -0.87 -15.55 -7.80
C VAL A 163 -1.46 -15.36 -9.19
N THR A 164 -0.61 -15.34 -10.22
CA THR A 164 -1.04 -14.85 -11.52
C THR A 164 -0.70 -15.76 -12.69
N SER A 165 -0.15 -16.95 -12.45
CA SER A 165 0.11 -18.01 -13.43
C SER A 165 1.19 -17.69 -14.46
N SER A 166 1.73 -16.47 -14.45
CA SER A 166 2.82 -16.06 -15.33
C SER A 166 3.44 -14.76 -14.84
N ILE A 167 4.77 -14.72 -14.71
CA ILE A 167 5.48 -13.56 -14.18
C ILE A 167 6.54 -13.13 -15.19
N VAL A 168 6.59 -11.85 -15.50
CA VAL A 168 7.52 -11.29 -16.47
C VAL A 168 8.51 -10.39 -15.74
N ILE A 169 9.75 -10.85 -15.57
CA ILE A 169 10.80 -10.09 -14.93
C ILE A 169 11.63 -9.41 -16.02
N THR A 170 11.69 -8.09 -15.97
CA THR A 170 12.36 -7.31 -17.02
C THR A 170 13.66 -6.75 -16.44
N SER A 171 14.79 -7.22 -16.93
CA SER A 171 16.09 -6.73 -16.48
C SER A 171 16.63 -5.76 -17.51
N GLY A 172 16.95 -4.55 -17.08
CA GLY A 172 17.48 -3.56 -18.01
C GLY A 172 18.96 -3.73 -18.24
N ASP A 173 19.41 -3.25 -19.39
CA ASP A 173 20.83 -3.22 -19.70
C ASP A 173 21.48 -2.00 -19.04
N GLY A 174 22.79 -1.89 -19.18
CA GLY A 174 23.52 -0.74 -18.66
C GLY A 174 23.97 0.21 -19.75
N GLU A 181 22.20 0.82 -15.56
CA GLU A 181 22.17 -0.08 -14.41
C GLU A 181 21.24 -1.28 -14.65
N HIS A 182 21.77 -2.48 -14.43
CA HIS A 182 20.93 -3.67 -14.48
C HIS A 182 20.13 -3.76 -13.20
N ASP A 183 18.82 -3.98 -13.32
CA ASP A 183 17.97 -4.07 -12.16
C ASP A 183 16.70 -4.84 -12.53
N TYR A 184 16.32 -5.80 -11.69
CA TYR A 184 15.14 -6.60 -11.94
C TYR A 184 13.92 -5.88 -11.38
N GLN A 185 12.89 -5.73 -12.20
CA GLN A 185 11.67 -5.06 -11.78
C GLN A 185 10.45 -5.88 -12.18
N ILE A 186 9.44 -5.90 -11.31
CA ILE A 186 8.16 -6.55 -11.59
C ILE A 186 7.07 -5.57 -11.19
N GLY A 187 6.54 -4.84 -12.16
CA GLY A 187 5.44 -3.93 -11.91
C GLY A 187 5.80 -2.62 -11.27
N GLY A 188 7.06 -2.21 -11.35
CA GLY A 188 7.48 -0.94 -10.79
C GLY A 188 8.46 -1.06 -9.65
N TYR A 189 8.30 -2.06 -8.80
CA TYR A 189 9.23 -2.28 -7.71
C TYR A 189 10.53 -2.87 -8.24
N THR A 190 11.65 -2.29 -7.83
CA THR A 190 12.93 -2.51 -8.48
C THR A 190 13.98 -2.93 -7.47
N GLU A 191 14.81 -3.91 -7.84
CA GLU A 191 15.95 -4.34 -7.03
C GLU A 191 17.17 -4.48 -7.92
N LYS A 192 18.31 -4.03 -7.42
CA LYS A 192 19.52 -3.92 -8.22
C LYS A 192 20.15 -5.29 -8.49
N TRP A 193 20.77 -5.45 -9.66
CA TRP A 193 21.31 -6.73 -10.10
C TRP A 193 22.69 -6.97 -9.51
N GLU A 194 22.90 -8.17 -8.98
CA GLU A 194 24.21 -8.57 -8.48
C GLU A 194 24.79 -9.74 -9.26
N SER A 195 24.09 -10.87 -9.32
CA SER A 195 24.70 -12.12 -9.75
C SER A 195 24.12 -12.62 -11.06
N GLY A 196 22.82 -12.82 -11.15
CA GLY A 196 22.23 -13.39 -12.33
C GLY A 196 20.91 -14.06 -12.01
N VAL A 197 20.32 -14.62 -13.06
CA VAL A 197 18.95 -15.10 -13.02
C VAL A 197 18.97 -16.59 -12.72
N LYS A 198 17.87 -17.10 -12.17
CA LYS A 198 17.71 -18.52 -11.89
C LYS A 198 16.49 -19.03 -12.65
N ASP A 199 16.36 -20.35 -12.68
CA ASP A 199 15.27 -20.97 -13.41
C ASP A 199 13.99 -21.05 -12.61
N CYS A 200 14.07 -21.40 -11.33
CA CYS A 200 12.89 -21.55 -10.48
C CYS A 200 12.87 -20.42 -9.45
N VAL A 201 11.82 -19.61 -9.50
CA VAL A 201 11.61 -18.57 -8.49
C VAL A 201 10.36 -18.94 -7.72
N VAL A 202 10.25 -18.42 -6.50
CA VAL A 202 9.20 -18.82 -5.58
C VAL A 202 8.40 -17.60 -5.18
N LEU A 203 7.08 -17.74 -5.16
CA LEU A 203 6.18 -16.71 -4.63
C LEU A 203 5.78 -17.10 -3.21
N HIS A 204 6.17 -16.27 -2.23
CA HIS A 204 5.97 -16.56 -0.82
C HIS A 204 4.91 -15.64 -0.21
N SER A 205 4.24 -16.15 0.80
CA SER A 205 3.27 -15.38 1.58
C SER A 205 3.30 -15.91 3.00
N TYR A 206 2.23 -15.64 3.77
CA TYR A 206 2.15 -16.11 5.15
C TYR A 206 2.09 -17.64 5.21
N PHE A 207 1.07 -18.22 4.57
CA PHE A 207 0.84 -19.65 4.66
C PHE A 207 1.06 -20.41 3.36
N THR A 208 1.34 -19.73 2.25
CA THR A 208 1.42 -20.36 0.95
C THR A 208 2.82 -20.23 0.37
N SER A 209 3.06 -20.99 -0.71
CA SER A 209 4.29 -20.92 -1.48
C SER A 209 4.05 -21.57 -2.83
N ASP A 210 4.36 -20.85 -3.91
CA ASP A 210 4.14 -21.34 -5.27
C ASP A 210 5.40 -21.14 -6.08
N TYR A 211 5.67 -22.07 -7.00
CA TYR A 211 6.91 -22.10 -7.76
C TYR A 211 6.64 -21.79 -9.22
N TYR A 212 7.58 -21.08 -9.86
CA TYR A 212 7.49 -20.73 -11.27
C TYR A 212 8.80 -21.08 -11.95
N GLN A 213 8.73 -21.69 -13.13
CA GLN A 213 9.92 -22.04 -13.90
C GLN A 213 10.07 -21.12 -15.11
N LEU A 214 11.30 -20.74 -15.42
CA LEU A 214 11.59 -19.88 -16.56
C LEU A 214 11.35 -20.64 -17.85
N TYR A 215 10.21 -20.36 -18.50
CA TYR A 215 9.83 -21.13 -19.67
C TYR A 215 10.61 -20.70 -20.90
N SER A 216 10.64 -19.40 -21.21
CA SER A 216 11.51 -18.87 -22.25
C SER A 216 11.78 -17.41 -21.96
N THR A 217 12.85 -16.90 -22.58
CA THR A 217 13.32 -15.54 -22.41
C THR A 217 13.12 -14.75 -23.69
N GLN A 218 12.97 -13.43 -23.54
CA GLN A 218 12.75 -12.54 -24.67
C GLN A 218 13.90 -11.56 -24.76
N LEU A 219 14.60 -11.57 -25.88
CA LEU A 219 15.73 -10.68 -26.12
C LEU A 219 15.23 -9.36 -26.69
N SER A 220 16.15 -8.57 -27.22
CA SER A 220 15.78 -7.36 -27.95
C SER A 220 15.55 -7.64 -29.42
N THR A 221 15.97 -8.80 -29.91
CA THR A 221 15.72 -9.16 -31.30
C THR A 221 14.25 -9.45 -31.55
N ASP A 222 13.58 -10.03 -30.56
CA ASP A 222 12.18 -10.41 -30.74
C ASP A 222 11.26 -9.20 -30.65
N THR A 223 11.53 -8.30 -29.71
CA THR A 223 10.61 -7.21 -29.41
C THR A 223 10.97 -5.91 -30.12
N GLY A 224 12.26 -5.62 -30.26
CA GLY A 224 12.70 -4.34 -30.76
C GLY A 224 13.03 -3.33 -29.69
N VAL A 225 12.51 -3.53 -28.48
CA VAL A 225 12.84 -2.67 -27.35
C VAL A 225 14.28 -2.96 -26.95
N GLU A 226 15.19 -2.05 -27.28
CA GLU A 226 16.59 -2.21 -26.94
C GLU A 226 16.79 -2.03 -25.44
N HIS A 227 17.96 -2.46 -24.97
CA HIS A 227 18.47 -2.25 -23.61
C HIS A 227 17.64 -2.91 -22.51
N VAL A 228 16.72 -3.80 -22.84
CA VAL A 228 16.00 -4.60 -21.84
C VAL A 228 15.97 -6.04 -22.30
N THR A 229 15.61 -6.92 -21.37
CA THR A 229 15.49 -8.35 -21.63
C THR A 229 14.40 -8.89 -20.72
N PHE A 230 13.47 -9.65 -21.28
CA PHE A 230 12.29 -10.11 -20.57
C PHE A 230 12.44 -11.59 -20.25
N PHE A 231 12.32 -11.95 -18.97
CA PHE A 231 12.29 -13.34 -18.56
C PHE A 231 10.86 -13.73 -18.21
N ILE A 232 10.34 -14.78 -18.84
CA ILE A 232 8.94 -15.15 -18.74
C ILE A 232 8.83 -16.47 -17.99
N TYR A 233 8.11 -16.46 -16.88
CA TYR A 233 8.01 -17.60 -15.98
C TYR A 233 6.61 -18.19 -16.02
N ASN A 234 6.50 -19.51 -16.02
CA ASN A 234 5.22 -20.19 -16.01
C ASN A 234 5.09 -21.03 -14.74
N LYS A 235 3.88 -21.12 -14.19
CA LYS A 235 3.67 -21.86 -12.95
C LYS A 235 3.68 -23.36 -13.19
N ILE A 236 4.45 -24.07 -12.36
CA ILE A 236 4.60 -25.52 -12.52
C ILE A 236 3.60 -26.23 -11.61
N VAL A 237 2.72 -27.03 -12.22
CA VAL A 237 1.79 -27.93 -11.53
C VAL A 237 1.75 -29.20 -12.37
N ASP A 238 2.35 -30.27 -11.86
CA ASP A 238 2.43 -31.52 -12.59
C ASP A 238 2.47 -32.72 -11.66
N SER B 40 -19.84 24.58 31.62
CA SER B 40 -18.49 24.10 31.40
C SER B 40 -18.48 22.94 30.41
N LEU B 41 -17.35 22.78 29.73
CA LEU B 41 -17.22 21.68 28.77
C LEU B 41 -16.97 20.37 29.50
N PRO B 42 -17.72 19.31 29.21
CA PRO B 42 -17.58 18.05 29.95
C PRO B 42 -16.37 17.25 29.49
N PHE B 43 -15.84 16.46 30.43
CA PHE B 43 -14.60 15.72 30.20
C PHE B 43 -14.83 14.36 29.56
N GLY B 44 -16.02 13.78 29.74
CA GLY B 44 -16.24 12.38 29.41
C GLY B 44 -16.35 12.13 27.92
N TRP B 45 -16.71 13.14 27.14
CA TRP B 45 -16.85 12.97 25.70
C TRP B 45 -15.51 12.75 25.02
N LEU B 46 -14.46 13.35 25.56
CA LEU B 46 -13.10 13.08 25.09
C LEU B 46 -12.71 11.62 25.31
N ILE B 47 -13.14 11.03 26.43
CA ILE B 47 -12.78 9.65 26.75
C ILE B 47 -13.49 8.67 25.82
N VAL B 48 -14.78 8.87 25.56
CA VAL B 48 -15.50 7.94 24.68
C VAL B 48 -15.07 8.15 23.24
N GLY B 49 -14.68 9.37 22.86
CA GLY B 49 -14.11 9.59 21.54
C GLY B 49 -12.77 8.90 21.35
N VAL B 50 -11.94 8.88 22.40
CA VAL B 50 -10.67 8.16 22.38
C VAL B 50 -10.91 6.66 22.23
N ALA B 51 -11.90 6.13 22.95
CA ALA B 51 -12.19 4.70 22.90
C ALA B 51 -12.76 4.28 21.55
N LEU B 52 -13.61 5.12 20.95
CA LEU B 52 -14.15 4.82 19.62
C LEU B 52 -13.08 4.94 18.54
N LEU B 53 -12.16 5.90 18.70
CA LEU B 53 -11.03 6.01 17.79
C LEU B 53 -10.12 4.78 17.87
N ALA B 54 -9.95 4.23 19.08
CA ALA B 54 -9.14 3.03 19.27
C ALA B 54 -9.75 1.81 18.59
N VAL B 55 -11.07 1.65 18.68
CA VAL B 55 -11.75 0.54 18.00
C VAL B 55 -11.57 0.64 16.49
N PHE B 56 -11.79 1.83 15.93
CA PHE B 56 -11.73 1.99 14.48
C PHE B 56 -10.30 1.93 13.95
N GLN B 57 -9.31 2.39 14.73
CA GLN B 57 -7.93 2.29 14.27
C GLN B 57 -7.42 0.86 14.31
N SER B 58 -7.72 0.12 15.38
CA SER B 58 -7.32 -1.27 15.47
C SER B 58 -8.07 -2.17 14.49
N ALA B 59 -9.26 -1.76 14.05
CA ALA B 59 -9.98 -2.50 13.02
C ALA B 59 -9.44 -2.21 11.62
N SER B 60 -8.94 -0.99 11.39
CA SER B 60 -8.41 -0.66 10.07
C SER B 60 -7.09 -1.36 9.81
N LYS B 61 -6.33 -1.66 10.85
CA LYS B 61 -4.99 -2.19 10.70
C LYS B 61 -4.94 -3.67 10.34
N ILE B 62 -6.09 -4.36 10.29
CA ILE B 62 -6.08 -5.80 10.01
C ILE B 62 -7.07 -6.16 8.89
N ILE B 63 -7.30 -5.24 7.97
CA ILE B 63 -8.06 -5.56 6.77
C ILE B 63 -7.13 -6.25 5.78
N THR B 64 -7.61 -7.30 5.12
CA THR B 64 -6.69 -8.17 4.37
C THR B 64 -6.34 -7.61 2.99
N LEU B 65 -7.13 -6.66 2.46
CA LEU B 65 -6.83 -5.88 1.25
C LEU B 65 -6.63 -6.76 0.02
N LYS B 66 -7.50 -7.75 -0.18
CA LYS B 66 -7.34 -8.69 -1.28
C LYS B 66 -8.33 -8.49 -2.42
N LYS B 67 -9.60 -8.22 -2.12
CA LYS B 67 -10.62 -8.03 -3.13
C LYS B 67 -11.03 -6.56 -3.19
N ARG B 68 -11.98 -6.28 -4.08
CA ARG B 68 -12.39 -4.91 -4.32
C ARG B 68 -13.19 -4.34 -3.15
N TRP B 69 -14.13 -5.12 -2.61
CA TRP B 69 -14.95 -4.63 -1.50
C TRP B 69 -14.16 -4.50 -0.21
N GLN B 70 -13.10 -5.31 -0.03
CA GLN B 70 -12.23 -5.13 1.12
C GLN B 70 -11.42 -3.85 1.04
N LEU B 71 -11.02 -3.45 -0.16
CA LEU B 71 -10.34 -2.17 -0.33
C LEU B 71 -11.27 -1.00 -0.08
N ALA B 72 -12.51 -1.09 -0.58
CA ALA B 72 -13.50 -0.05 -0.36
C ALA B 72 -13.88 0.05 1.12
N LEU B 73 -13.99 -1.08 1.80
CA LEU B 73 -14.29 -1.09 3.24
C LEU B 73 -13.19 -0.43 4.06
N SER B 74 -11.92 -0.74 3.76
CA SER B 74 -10.80 -0.17 4.49
C SER B 74 -10.63 1.33 4.26
N LYS B 75 -10.96 1.79 3.05
CA LYS B 75 -10.93 3.24 2.79
C LYS B 75 -12.02 3.97 3.56
N GLY B 76 -13.21 3.37 3.68
CA GLY B 76 -14.25 3.97 4.50
C GLY B 76 -13.90 4.03 5.97
N VAL B 77 -13.27 2.98 6.49
CA VAL B 77 -12.85 2.95 7.89
C VAL B 77 -11.73 3.95 8.15
N HIS B 78 -10.85 4.18 7.14
CA HIS B 78 -9.81 5.19 7.26
C HIS B 78 -10.39 6.59 7.33
N PHE B 79 -11.45 6.86 6.57
CA PHE B 79 -12.12 8.16 6.64
C PHE B 79 -12.77 8.39 8.00
N VAL B 80 -13.39 7.35 8.56
CA VAL B 80 -13.97 7.41 9.90
C VAL B 80 -12.90 7.67 10.95
N CYS B 81 -11.72 7.06 10.78
CA CYS B 81 -10.61 7.25 11.71
C CYS B 81 -10.11 8.69 11.72
N ASN B 82 -9.99 9.32 10.55
CA ASN B 82 -9.51 10.69 10.51
C ASN B 82 -10.56 11.69 11.00
N LEU B 83 -11.85 11.37 10.81
CA LEU B 83 -12.91 12.20 11.38
C LEU B 83 -12.89 12.16 12.91
N LEU B 84 -12.71 10.97 13.49
CA LEU B 84 -12.64 10.84 14.94
C LEU B 84 -11.39 11.50 15.51
N LEU B 85 -10.27 11.41 14.80
CA LEU B 85 -9.04 12.05 15.25
C LEU B 85 -9.14 13.57 15.19
N LEU B 86 -9.75 14.10 14.13
CA LEU B 86 -9.98 15.54 14.03
C LEU B 86 -10.91 16.03 15.14
N PHE B 87 -11.96 15.25 15.45
CA PHE B 87 -12.90 15.61 16.51
C PHE B 87 -12.23 15.59 17.88
N VAL B 88 -11.43 14.55 18.16
CA VAL B 88 -10.83 14.42 19.48
C VAL B 88 -9.76 15.48 19.73
N THR B 89 -9.06 15.93 18.68
CA THR B 89 -8.03 16.94 18.89
C THR B 89 -8.60 18.35 19.03
N VAL B 90 -9.73 18.66 18.37
CA VAL B 90 -10.33 19.97 18.55
C VAL B 90 -11.09 20.03 19.87
N TYR B 91 -11.54 18.88 20.38
CA TYR B 91 -12.17 18.82 21.70
C TYR B 91 -11.16 19.07 22.81
N SER B 92 -9.95 18.50 22.69
CA SER B 92 -8.90 18.74 23.67
C SER B 92 -8.43 20.19 23.65
N HIS B 93 -8.34 20.79 22.46
CA HIS B 93 -7.95 22.19 22.34
C HIS B 93 -8.99 23.12 22.96
N LEU B 94 -10.27 22.74 22.89
CA LEU B 94 -11.33 23.55 23.49
C LEU B 94 -11.28 23.49 25.02
N LEU B 95 -10.98 22.32 25.58
CA LEU B 95 -10.85 22.18 27.03
C LEU B 95 -9.66 22.97 27.56
N LEU B 96 -8.57 23.01 26.80
CA LEU B 96 -7.42 23.80 27.20
C LEU B 96 -7.66 25.29 27.02
N VAL B 97 -8.57 25.66 26.11
CA VAL B 97 -8.99 27.05 26.00
C VAL B 97 -9.76 27.47 27.25
N ALA B 98 -10.62 26.60 27.76
CA ALA B 98 -11.37 26.91 28.98
C ALA B 98 -10.46 26.96 30.21
N ALA B 99 -9.38 26.18 30.23
CA ALA B 99 -8.49 26.11 31.39
C ALA B 99 -7.24 26.96 31.27
N GLY B 100 -6.95 27.52 30.09
CA GLY B 100 -5.71 28.26 29.91
C GLY B 100 -4.66 27.49 29.15
N LEU B 101 -4.43 27.88 27.90
CA LEU B 101 -3.69 27.08 26.94
C LEU B 101 -2.28 27.65 26.79
N GLU B 102 -1.28 26.81 27.02
CA GLU B 102 0.11 27.24 27.05
C GLU B 102 0.67 27.37 25.63
N ALA B 103 1.66 28.24 25.48
CA ALA B 103 2.30 28.48 24.18
C ALA B 103 3.08 27.28 23.63
N PRO B 104 3.75 26.42 24.44
CA PRO B 104 4.18 25.12 23.89
C PRO B 104 3.06 24.25 23.35
N PHE B 105 1.83 24.40 23.86
CA PHE B 105 0.66 23.73 23.30
C PHE B 105 0.02 24.49 22.15
N LEU B 106 0.27 25.80 22.05
CA LEU B 106 -0.19 26.57 20.89
C LEU B 106 0.37 26.01 19.59
N TYR B 107 1.70 25.87 19.50
CA TYR B 107 2.30 25.39 18.26
C TYR B 107 2.09 23.90 18.04
N LEU B 108 1.80 23.13 19.09
CA LEU B 108 1.50 21.71 18.92
C LEU B 108 0.16 21.52 18.21
N TYR B 109 -0.88 22.22 18.65
CA TYR B 109 -2.16 22.12 17.96
C TYR B 109 -2.13 22.83 16.61
N ALA B 110 -1.24 23.82 16.46
CA ALA B 110 -1.01 24.43 15.16
C ALA B 110 -0.38 23.43 14.20
N LEU B 111 0.53 22.60 14.70
CA LEU B 111 1.12 21.53 13.91
C LEU B 111 0.10 20.51 13.46
N VAL B 112 -0.84 20.14 14.35
CA VAL B 112 -1.91 19.22 13.99
C VAL B 112 -2.76 19.77 12.85
N TYR B 113 -3.19 21.02 12.96
CA TYR B 113 -4.05 21.61 11.95
C TYR B 113 -3.33 21.86 10.63
N PHE B 114 -2.03 22.15 10.67
CA PHE B 114 -1.27 22.36 9.45
C PHE B 114 -1.10 21.07 8.66
N LEU B 115 -0.75 19.97 9.34
CA LEU B 115 -0.61 18.68 8.67
C LEU B 115 -1.94 18.17 8.14
N GLN B 116 -3.04 18.49 8.82
CA GLN B 116 -4.36 18.11 8.33
C GLN B 116 -4.76 18.92 7.09
N SER B 117 -4.29 20.16 6.99
CA SER B 117 -4.54 20.93 5.77
C SER B 117 -3.78 20.35 4.57
N ILE B 118 -2.55 19.90 4.79
CA ILE B 118 -1.78 19.23 3.73
C ILE B 118 -2.46 17.92 3.34
N ASN B 119 -2.99 17.19 4.31
CA ASN B 119 -3.73 15.97 4.03
C ASN B 119 -5.03 16.25 3.28
N PHE B 120 -5.68 17.39 3.54
CA PHE B 120 -6.91 17.74 2.85
C PHE B 120 -6.69 18.07 1.37
N VAL B 121 -5.62 18.80 1.03
CA VAL B 121 -5.36 19.10 -0.38
C VAL B 121 -4.88 17.85 -1.11
N ARG B 122 -4.29 16.89 -0.40
CA ARG B 122 -3.94 15.61 -1.00
C ARG B 122 -5.18 14.79 -1.37
N ILE B 123 -6.22 14.82 -0.53
CA ILE B 123 -7.44 14.07 -0.82
C ILE B 123 -8.18 14.65 -2.03
N ILE B 124 -8.24 15.97 -2.16
CA ILE B 124 -8.92 16.55 -3.31
C ILE B 124 -8.09 16.38 -4.59
N MET B 125 -6.76 16.26 -4.45
CA MET B 125 -5.94 15.90 -5.59
C MET B 125 -6.14 14.45 -6.01
N ARG B 126 -6.41 13.56 -5.05
CA ARG B 126 -6.78 12.20 -5.39
C ARG B 126 -8.11 12.15 -6.12
N LEU B 127 -9.04 13.03 -5.76
CA LEU B 127 -10.30 13.12 -6.48
C LEU B 127 -10.11 13.72 -7.87
N TRP B 128 -9.18 14.67 -8.00
CA TRP B 128 -8.83 15.21 -9.31
C TRP B 128 -8.20 14.15 -10.19
N LEU B 129 -7.35 13.31 -9.60
CA LEU B 129 -6.78 12.19 -10.34
C LEU B 129 -7.86 11.18 -10.70
N CYS B 130 -8.83 10.99 -9.81
CA CYS B 130 -9.97 10.09 -10.09
C CYS B 130 -10.81 10.60 -11.24
N TRP B 131 -10.92 11.93 -11.39
CA TRP B 131 -11.54 12.49 -12.57
C TRP B 131 -10.64 12.39 -13.79
N LYS B 132 -9.32 12.40 -13.59
CA LYS B 132 -8.38 12.47 -14.70
C LYS B 132 -8.35 11.17 -15.51
N CYS B 133 -8.15 10.05 -14.85
CA CYS B 133 -8.12 8.78 -15.56
C CYS B 133 -9.50 8.15 -15.71
N ARG B 134 -10.54 8.79 -15.18
CA ARG B 134 -11.95 8.41 -15.36
C ARG B 134 -12.26 7.01 -14.85
N SER B 135 -11.73 6.67 -13.68
CA SER B 135 -12.06 5.42 -13.03
C SER B 135 -11.87 5.59 -11.52
N LYS B 136 -12.54 4.73 -10.75
CA LYS B 136 -12.62 4.89 -9.31
C LYS B 136 -11.47 4.26 -8.56
N ASN B 137 -10.52 3.63 -9.26
CA ASN B 137 -9.37 3.00 -8.62
C ASN B 137 -8.37 3.93 -7.91
N PRO B 138 -8.20 5.21 -8.28
CA PRO B 138 -7.36 6.08 -7.43
C PRO B 138 -7.80 6.21 -5.99
N LEU B 139 -9.11 6.10 -5.71
CA LEU B 139 -9.56 6.15 -4.33
C LEU B 139 -9.31 4.85 -3.59
N LEU B 140 -9.15 3.74 -4.31
CA LEU B 140 -9.13 2.42 -3.71
C LEU B 140 -7.72 1.90 -3.49
N TYR B 141 -6.86 2.00 -4.51
CA TYR B 141 -5.73 1.11 -4.61
C TYR B 141 -4.46 1.64 -3.95
N ASP B 142 -4.32 2.97 -3.88
CA ASP B 142 -3.24 3.67 -3.17
C ASP B 142 -1.86 3.26 -3.70
N ALA B 143 -1.62 3.60 -4.96
CA ALA B 143 -0.31 3.42 -5.58
C ALA B 143 0.21 4.77 -6.04
N ASN B 144 1.40 4.76 -6.65
CA ASN B 144 2.02 6.01 -7.05
C ASN B 144 1.57 6.49 -8.43
N TYR B 145 1.58 5.60 -9.42
CA TYR B 145 1.24 5.95 -10.78
C TYR B 145 0.15 5.01 -11.25
N PHE B 146 -0.54 5.38 -12.33
CA PHE B 146 -1.64 4.58 -12.83
C PHE B 146 -1.58 4.49 -14.35
N LEU B 147 -1.64 3.27 -14.89
CA LEU B 147 -1.64 3.07 -16.33
C LEU B 147 -3.06 2.95 -16.86
N CYS B 148 -3.37 3.67 -17.93
CA CYS B 148 -4.75 3.80 -18.37
C CYS B 148 -4.86 3.97 -19.88
N TRP B 149 -5.88 3.37 -20.48
CA TRP B 149 -6.23 3.63 -21.87
C TRP B 149 -7.73 3.51 -22.05
N HIS B 150 -8.27 4.24 -23.02
CA HIS B 150 -9.70 4.40 -23.20
C HIS B 150 -10.22 3.44 -24.27
N THR B 151 -11.36 2.80 -23.99
CA THR B 151 -12.06 1.97 -24.96
C THR B 151 -13.51 2.41 -25.10
N ASN B 152 -14.32 1.60 -25.76
CA ASN B 152 -15.73 1.94 -25.95
C ASN B 152 -16.61 1.45 -24.80
N CYS B 153 -16.20 0.38 -24.12
CA CYS B 153 -16.98 -0.17 -23.03
C CYS B 153 -16.38 0.14 -21.66
N TYR B 154 -15.14 0.60 -21.59
CA TYR B 154 -14.44 0.75 -20.32
C TYR B 154 -13.30 1.75 -20.50
N ASP B 155 -13.06 2.53 -19.47
CA ASP B 155 -11.85 3.33 -19.33
C ASP B 155 -10.98 2.63 -18.29
N TYR B 156 -10.04 1.81 -18.77
CA TYR B 156 -9.21 0.99 -17.89
C TYR B 156 -8.30 1.86 -17.03
N CYS B 157 -7.91 1.30 -15.88
CA CYS B 157 -6.84 1.87 -15.09
C CYS B 157 -6.29 0.80 -14.17
N ILE B 158 -4.97 0.66 -14.13
CA ILE B 158 -4.28 -0.39 -13.38
C ILE B 158 -3.18 0.26 -12.55
N PRO B 159 -3.00 -0.09 -11.27
CA PRO B 159 -1.96 0.53 -10.45
C PRO B 159 -0.55 0.20 -10.94
N TYR B 160 0.38 1.06 -10.55
CA TYR B 160 1.75 0.98 -11.02
C TYR B 160 2.61 1.78 -10.03
N ASN B 161 3.89 1.44 -9.96
CA ASN B 161 4.71 2.02 -8.91
C ASN B 161 5.62 3.15 -9.35
N SER B 162 6.19 3.09 -10.55
CA SER B 162 7.10 4.15 -10.97
C SER B 162 7.14 4.22 -12.48
N VAL B 163 7.88 5.19 -13.01
CA VAL B 163 8.15 5.25 -14.44
C VAL B 163 9.30 4.28 -14.73
N THR B 164 9.09 3.36 -15.67
CA THR B 164 9.98 2.22 -15.77
C THR B 164 10.50 1.92 -17.18
N SER B 165 10.19 2.77 -18.16
CA SER B 165 10.71 2.76 -19.53
C SER B 165 10.24 1.57 -20.37
N SER B 166 9.50 0.62 -19.81
CA SER B 166 8.92 -0.52 -20.52
C SER B 166 7.87 -1.19 -19.66
N ILE B 167 6.67 -1.42 -20.23
CA ILE B 167 5.55 -2.00 -19.50
C ILE B 167 5.07 -3.24 -20.24
N VAL B 168 4.87 -4.35 -19.52
CA VAL B 168 4.45 -5.61 -20.10
C VAL B 168 3.06 -5.94 -19.59
N ILE B 169 2.04 -5.77 -20.44
CA ILE B 169 0.66 -6.08 -20.09
C ILE B 169 0.36 -7.48 -20.58
N THR B 170 -0.02 -8.38 -19.67
CA THR B 170 -0.24 -9.78 -20.00
C THR B 170 -1.73 -10.05 -19.95
N SER B 171 -2.33 -10.36 -21.09
CA SER B 171 -3.76 -10.68 -21.14
C SER B 171 -3.92 -12.18 -21.27
N GLY B 172 -4.69 -12.78 -20.38
CA GLY B 172 -4.89 -14.20 -20.43
C GLY B 172 -5.98 -14.60 -21.39
N ASP B 173 -5.91 -15.84 -21.88
CA ASP B 173 -6.95 -16.40 -22.72
C ASP B 173 -8.10 -16.90 -21.85
N GLY B 174 -9.15 -17.39 -22.50
CA GLY B 174 -10.29 -17.96 -21.80
C GLY B 174 -10.35 -19.47 -21.92
N GLU B 181 -11.06 -16.54 -18.44
CA GLU B 181 -11.39 -15.12 -18.47
C GLU B 181 -10.22 -14.26 -18.96
N HIS B 182 -10.50 -13.41 -19.94
CA HIS B 182 -9.51 -12.45 -20.39
C HIS B 182 -9.45 -11.30 -19.40
N ASP B 183 -8.25 -10.95 -18.96
CA ASP B 183 -8.08 -9.88 -18.00
C ASP B 183 -6.67 -9.33 -18.10
N TYR B 184 -6.55 -8.01 -18.15
CA TYR B 184 -5.25 -7.35 -18.26
C TYR B 184 -4.67 -7.18 -16.87
N GLN B 185 -3.42 -7.60 -16.68
CA GLN B 185 -2.76 -7.49 -15.39
C GLN B 185 -1.35 -6.94 -15.56
N ILE B 186 -0.94 -6.08 -14.62
CA ILE B 186 0.42 -5.54 -14.59
C ILE B 186 0.91 -5.68 -13.16
N GLY B 187 1.67 -6.74 -12.88
CA GLY B 187 2.26 -6.92 -11.58
C GLY B 187 1.33 -7.44 -10.51
N GLY B 188 0.23 -8.07 -10.89
CA GLY B 188 -0.69 -8.63 -9.92
C GLY B 188 -2.05 -7.99 -9.89
N TYR B 189 -2.11 -6.66 -10.07
CA TYR B 189 -3.39 -5.98 -10.13
C TYR B 189 -4.07 -6.25 -11.46
N THR B 190 -5.35 -6.59 -11.41
CA THR B 190 -6.04 -7.20 -12.53
C THR B 190 -7.33 -6.45 -12.82
N GLU B 191 -7.64 -6.25 -14.11
CA GLU B 191 -8.89 -5.66 -14.54
C GLU B 191 -9.44 -6.47 -15.70
N LYS B 192 -10.77 -6.67 -15.71
CA LYS B 192 -11.40 -7.58 -16.66
C LYS B 192 -11.44 -6.96 -18.06
N TRP B 193 -11.40 -7.82 -19.08
CA TRP B 193 -11.32 -7.40 -20.47
C TRP B 193 -12.71 -7.14 -21.04
N GLU B 194 -12.87 -6.00 -21.72
CA GLU B 194 -14.12 -5.67 -22.38
C GLU B 194 -13.94 -5.54 -23.89
N SER B 195 -13.05 -4.67 -24.36
CA SER B 195 -13.07 -4.25 -25.75
C SER B 195 -11.82 -4.71 -26.49
N GLY B 196 -10.65 -4.35 -26.01
CA GLY B 196 -9.43 -4.66 -26.73
C GLY B 196 -8.32 -3.68 -26.38
N VAL B 197 -7.18 -3.89 -27.02
CA VAL B 197 -5.95 -3.23 -26.65
C VAL B 197 -5.76 -2.01 -27.55
N LYS B 198 -4.99 -1.03 -27.07
CA LYS B 198 -4.67 0.16 -27.83
C LYS B 198 -3.16 0.26 -27.99
N ASP B 199 -2.74 1.16 -28.88
CA ASP B 199 -1.32 1.30 -29.16
C ASP B 199 -0.63 2.21 -28.14
N CYS B 200 -1.26 3.32 -27.78
CA CYS B 200 -0.67 4.28 -26.86
C CYS B 200 -1.42 4.25 -25.53
N VAL B 201 -0.71 3.90 -24.46
CA VAL B 201 -1.26 3.96 -23.12
C VAL B 201 -0.51 5.04 -22.36
N VAL B 202 -1.14 5.56 -21.31
CA VAL B 202 -0.62 6.73 -20.60
C VAL B 202 -0.44 6.36 -19.13
N LEU B 203 0.70 6.77 -18.57
CA LEU B 203 0.95 6.65 -17.13
C LEU B 203 0.67 8.00 -16.47
N HIS B 204 -0.33 8.03 -15.59
CA HIS B 204 -0.79 9.26 -14.96
C HIS B 204 -0.43 9.31 -13.49
N SER B 205 -0.26 10.52 -12.98
CA SER B 205 -0.01 10.76 -11.56
C SER B 205 -0.62 12.11 -11.21
N TYR B 206 -0.17 12.70 -10.09
CA TYR B 206 -0.67 14.01 -9.68
C TYR B 206 -0.28 15.09 -10.68
N PHE B 207 1.01 15.29 -10.90
CA PHE B 207 1.49 16.37 -11.74
C PHE B 207 2.11 15.93 -13.06
N THR B 208 2.28 14.63 -13.28
CA THR B 208 3.01 14.13 -14.44
C THR B 208 2.09 13.32 -15.34
N SER B 209 2.60 13.02 -16.53
CA SER B 209 1.93 12.16 -17.50
C SER B 209 2.96 11.70 -18.53
N ASP B 210 3.06 10.39 -18.74
CA ASP B 210 4.02 9.82 -19.66
C ASP B 210 3.32 8.82 -20.58
N TYR B 211 3.78 8.75 -21.83
CA TYR B 211 3.12 7.96 -22.85
C TYR B 211 4.00 6.79 -23.25
N TYR B 212 3.37 5.66 -23.55
CA TYR B 212 4.06 4.44 -23.98
C TYR B 212 3.39 3.90 -25.24
N GLN B 213 4.18 3.51 -26.22
CA GLN B 213 3.66 2.94 -27.46
C GLN B 213 3.92 1.44 -27.52
N LEU B 214 2.94 0.68 -28.03
CA LEU B 214 3.07 -0.77 -28.15
C LEU B 214 4.09 -1.09 -29.23
N TYR B 215 5.30 -1.48 -28.81
CA TYR B 215 6.38 -1.70 -29.76
C TYR B 215 6.22 -3.03 -30.49
N SER B 216 6.06 -4.12 -29.75
CA SER B 216 5.72 -5.40 -30.35
C SER B 216 5.02 -6.27 -29.32
N THR B 217 4.31 -7.28 -29.82
CA THR B 217 3.52 -8.20 -29.00
C THR B 217 4.13 -9.59 -29.02
N GLN B 218 3.89 -10.35 -27.95
CA GLN B 218 4.43 -11.69 -27.80
C GLN B 218 3.28 -12.68 -27.72
N LEU B 219 3.24 -13.61 -28.66
CA LEU B 219 2.22 -14.63 -28.72
C LEU B 219 2.61 -15.81 -27.83
N SER B 220 1.93 -16.94 -28.01
CA SER B 220 2.33 -18.18 -27.35
C SER B 220 3.31 -18.96 -28.18
N THR B 221 3.48 -18.62 -29.46
CA THR B 221 4.45 -19.30 -30.31
C THR B 221 5.87 -18.93 -29.90
N ASP B 222 6.08 -17.69 -29.47
CA ASP B 222 7.43 -17.25 -29.13
C ASP B 222 7.88 -17.80 -27.78
N THR B 223 6.98 -17.81 -26.79
CA THR B 223 7.34 -18.13 -25.43
C THR B 223 7.10 -19.58 -25.06
N GLY B 224 6.02 -20.17 -25.57
CA GLY B 224 5.60 -21.49 -25.17
C GLY B 224 4.58 -21.50 -24.06
N VAL B 225 4.45 -20.40 -23.32
CA VAL B 225 3.42 -20.26 -22.30
C VAL B 225 2.08 -20.12 -23.02
N GLU B 226 1.28 -21.19 -23.00
CA GLU B 226 -0.03 -21.15 -23.63
C GLU B 226 -0.99 -20.28 -22.82
N HIS B 227 -2.09 -19.93 -23.46
CA HIS B 227 -3.25 -19.24 -22.88
C HIS B 227 -2.95 -17.83 -22.36
N VAL B 228 -1.81 -17.24 -22.70
CA VAL B 228 -1.52 -15.84 -22.38
C VAL B 228 -0.94 -15.18 -23.63
N THR B 229 -0.89 -13.84 -23.58
CA THR B 229 -0.34 -13.03 -24.65
C THR B 229 0.25 -11.79 -24.02
N PHE B 230 1.47 -11.45 -24.38
CA PHE B 230 2.22 -10.37 -23.76
C PHE B 230 2.28 -9.18 -24.70
N PHE B 231 1.83 -8.02 -24.24
CA PHE B 231 1.96 -6.77 -24.97
C PHE B 231 3.07 -5.95 -24.35
N ILE B 232 4.06 -5.56 -25.16
CA ILE B 232 5.27 -4.91 -24.67
C ILE B 232 5.29 -3.47 -25.14
N TYR B 233 5.34 -2.54 -24.20
CA TYR B 233 5.24 -1.11 -24.48
C TYR B 233 6.57 -0.42 -24.21
N ASN B 234 6.95 0.50 -25.08
CA ASN B 234 8.17 1.28 -24.94
C ASN B 234 7.84 2.75 -24.78
N LYS B 235 8.63 3.46 -23.96
CA LYS B 235 8.35 4.87 -23.71
C LYS B 235 8.75 5.72 -24.90
N ILE B 236 7.84 6.62 -25.31
CA ILE B 236 8.07 7.45 -26.49
C ILE B 236 8.67 8.78 -26.05
N VAL B 237 9.87 9.07 -26.54
CA VAL B 237 10.55 10.35 -26.38
C VAL B 237 11.23 10.64 -27.72
N ASP B 238 10.71 11.61 -28.46
CA ASP B 238 11.26 11.93 -29.77
C ASP B 238 11.05 13.38 -30.15
#